data_5YJP
#
_entry.id   5YJP
#
_cell.length_a   75.089
_cell.length_b   75.089
_cell.length_c   49.750
_cell.angle_alpha   90.00
_cell.angle_beta   90.00
_cell.angle_gamma   90.00
#
_symmetry.space_group_name_H-M   'P 43'
#
loop_
_entity.id
_entity.type
_entity.pdbx_description
1 polymer 'human chymase'
2 non-polymer 2-acetamido-2-deoxy-beta-D-glucopyranose
3 non-polymer 'ZINC ION'
4 non-polymer '4-((R)-1-((R,Z)-6-(5-chloro-2-methoxybenzyl)-3-(ethoxyimino)-7-oxo-1,4-diazepane-1-carboxamido)propyl)benzoic acid'
5 water water
#
_entity_poly.entity_id   1
_entity_poly.type   'polypeptide(L)'
_entity_poly.pdbx_seq_one_letter_code
;IIGGTESKPHSRPYMAYLEIVTSNGPSKFCGGFLIRRNFVLTAAHCAGRSITVTLGAHNITEEEDTWQKLEVIKQFRHPK
YNTSTLHHDIMLLKLKEKASLTLAVGTLPFPSQKNFVPPGRMCRVAGWGRTGVLKPGSDTLQEVKLRLMDPQACSHFRDF
DHNLQLCVGNPRKTKSAFKGDSGGPLLCAGVAQGIVSYGRSDAKPPAVFTRISHYRPWINQILQAN
;
_entity_poly.pdbx_strand_id   A
#
loop_
_chem_comp.id
_chem_comp.type
_chem_comp.name
_chem_comp.formula
8W6 non-polymer '4-((R)-1-((R,Z)-6-(5-chloro-2-methoxybenzyl)-3-(ethoxyimino)-7-oxo-1,4-diazepane-1-carboxamido)propyl)benzoic acid' 'C26 H31 Cl N4 O6'
NAG D-saccharide, beta linking 2-acetamido-2-deoxy-beta-D-glucopyranose 'C8 H15 N O6'
ZN non-polymer 'ZINC ION' 'Zn 2'
#
# COMPACT_ATOMS: atom_id res chain seq x y z
N ILE A 1 1.96 -0.43 11.02
CA ILE A 1 1.04 0.65 11.42
C ILE A 1 1.37 0.97 12.89
N ILE A 2 1.58 2.25 13.19
CA ILE A 2 1.78 2.78 14.56
C ILE A 2 0.53 3.41 15.05
N GLY A 3 0.11 3.02 16.23
CA GLY A 3 -0.99 3.70 16.94
C GLY A 3 -2.36 3.22 16.47
N GLY A 4 -2.45 2.03 15.88
CA GLY A 4 -3.72 1.55 15.31
C GLY A 4 -4.21 0.37 16.14
N THR A 5 -5.14 -0.40 15.57
CA THR A 5 -5.70 -1.52 16.25
C THR A 5 -5.84 -2.66 15.25
N GLU A 6 -6.02 -3.89 15.77
CA GLU A 6 -6.11 -5.06 14.96
C GLU A 6 -7.41 -4.95 14.15
N SER A 7 -7.38 -5.17 12.83
CA SER A 7 -8.54 -5.20 11.97
C SER A 7 -9.42 -6.49 12.32
N LYS A 8 -10.68 -6.37 12.21
CA LYS A 8 -11.60 -7.55 12.28
C LYS A 8 -11.14 -8.47 11.12
N PRO A 9 -10.81 -9.76 11.41
CA PRO A 9 -10.34 -10.62 10.41
C PRO A 9 -11.17 -10.67 9.11
N HIS A 10 -10.56 -10.54 7.94
CA HIS A 10 -11.16 -10.61 6.65
C HIS A 10 -12.10 -9.42 6.35
N SER A 11 -12.06 -8.31 7.12
CA SER A 11 -12.95 -7.19 6.90
C SER A 11 -12.41 -6.25 5.79
N ARG A 12 -11.19 -6.47 5.34
CA ARG A 12 -10.59 -5.75 4.24
C ARG A 12 -10.09 -6.77 3.18
N PRO A 13 -11.01 -7.37 2.45
CA PRO A 13 -10.71 -8.55 1.62
C PRO A 13 -9.83 -8.25 0.36
N TYR A 14 -9.70 -6.95 0.04
CA TYR A 14 -8.80 -6.55 -0.98
C TYR A 14 -7.32 -6.44 -0.60
N MET A 15 -6.99 -6.56 0.70
CA MET A 15 -5.62 -6.39 1.15
C MET A 15 -4.69 -7.49 0.60
N ALA A 16 -3.55 -7.12 0.06
CA ALA A 16 -2.52 -8.05 -0.41
C ALA A 16 -1.26 -7.94 0.43
N TYR A 17 -0.65 -9.07 0.86
CA TYR A 17 0.58 -9.13 1.48
C TYR A 17 1.64 -9.57 0.48
N LEU A 18 2.66 -8.74 0.28
CA LEU A 18 3.67 -8.98 -0.75
C LEU A 18 4.99 -9.38 -0.15
N GLU A 19 5.56 -10.47 -0.55
CA GLU A 19 6.91 -10.84 -0.28
C GLU A 19 7.77 -10.61 -1.48
N ILE A 20 8.79 -9.86 -1.30
CA ILE A 20 9.63 -9.30 -2.39
C ILE A 20 11.01 -9.96 -2.33
N VAL A 21 11.36 -10.66 -3.38
CA VAL A 21 12.64 -11.31 -3.50
C VAL A 21 13.55 -10.37 -4.24
N THR A 22 14.79 -10.17 -3.73
CA THR A 22 15.91 -9.58 -4.43
C THR A 22 17.11 -10.47 -4.49
N SER A 23 18.04 -10.18 -5.40
CA SER A 23 19.04 -11.25 -5.57
C SER A 23 20.17 -11.13 -4.55
N ASN A 24 20.26 -10.03 -3.88
CA ASN A 24 21.46 -9.91 -3.07
C ASN A 24 21.12 -9.80 -1.55
N GLY A 25 19.86 -9.96 -1.10
CA GLY A 25 19.51 -9.84 0.29
C GLY A 25 18.30 -10.72 0.58
N PRO A 26 17.90 -10.78 1.90
CA PRO A 26 16.72 -11.56 2.29
C PRO A 26 15.47 -10.88 1.85
N SER A 27 14.36 -11.54 2.00
CA SER A 27 13.10 -11.02 1.53
CA SER A 27 13.07 -11.05 1.56
C SER A 27 12.65 -9.80 2.29
N LYS A 28 11.96 -8.93 1.62
CA LYS A 28 11.32 -7.74 2.08
C LYS A 28 9.84 -7.84 1.91
N PHE A 29 9.08 -6.94 2.56
CA PHE A 29 7.58 -6.99 2.46
CA PHE A 29 7.59 -7.03 2.62
C PHE A 29 6.93 -5.67 2.32
N CYS A 30 5.86 -5.67 1.62
CA CYS A 30 4.96 -4.53 1.33
C CYS A 30 3.49 -4.98 1.37
N GLY A 31 2.60 -4.05 1.40
CA GLY A 31 1.18 -4.19 1.17
C GLY A 31 0.89 -3.84 -0.24
N GLY A 32 -0.36 -3.97 -0.58
CA GLY A 32 -0.91 -3.73 -1.91
C GLY A 32 -2.41 -4.01 -1.86
N PHE A 33 -3.11 -3.82 -2.94
CA PHE A 33 -4.51 -4.14 -2.93
C PHE A 33 -5.02 -4.58 -4.30
N LEU A 34 -5.99 -5.49 -4.29
CA LEU A 34 -6.54 -6.13 -5.53
C LEU A 34 -7.53 -5.20 -6.15
N ILE A 35 -7.23 -4.67 -7.29
CA ILE A 35 -8.09 -3.85 -8.12
C ILE A 35 -8.85 -4.58 -9.22
N ARG A 36 -8.31 -5.72 -9.68
CA ARG A 36 -8.94 -6.64 -10.59
C ARG A 36 -8.60 -8.04 -10.15
N ARG A 37 -9.34 -9.07 -10.68
CA ARG A 37 -9.04 -10.44 -10.21
C ARG A 37 -7.57 -10.86 -10.52
N ASN A 38 -6.94 -10.21 -11.51
CA ASN A 38 -5.52 -10.47 -11.73
C ASN A 38 -4.50 -9.34 -11.69
N PHE A 39 -4.89 -8.28 -10.97
CA PHE A 39 -4.02 -7.06 -10.77
C PHE A 39 -4.05 -6.55 -9.38
N VAL A 40 -2.86 -6.36 -8.82
CA VAL A 40 -2.56 -5.75 -7.51
C VAL A 40 -1.91 -4.39 -7.75
N LEU A 41 -2.42 -3.38 -7.13
CA LEU A 41 -1.76 -2.07 -7.02
C LEU A 41 -0.88 -1.95 -5.84
N THR A 42 0.32 -1.39 -6.00
CA THR A 42 1.22 -1.18 -4.87
C THR A 42 2.19 -0.02 -5.23
N ALA A 43 3.21 0.13 -4.49
CA ALA A 43 4.26 1.19 -4.65
C ALA A 43 5.34 0.69 -5.49
N ALA A 44 5.89 1.50 -6.38
CA ALA A 44 6.96 1.20 -7.20
C ALA A 44 8.21 0.88 -6.41
N HIS A 45 8.34 1.47 -5.21
CA HIS A 45 9.59 1.14 -4.39
C HIS A 45 9.49 -0.31 -3.82
N CYS A 46 8.40 -1.05 -4.02
CA CYS A 46 8.31 -2.40 -3.67
C CYS A 46 8.76 -3.35 -4.80
N ALA A 47 9.32 -2.84 -5.89
CA ALA A 47 9.65 -3.68 -6.98
C ALA A 47 10.83 -4.63 -6.59
N GLY A 48 10.94 -5.79 -7.22
CA GLY A 48 12.13 -6.67 -6.95
C GLY A 48 12.30 -7.70 -8.05
N ARG A 49 13.16 -8.68 -7.84
CA ARG A 49 13.39 -9.67 -8.83
C ARG A 49 12.13 -10.53 -9.09
N SER A 50 11.42 -10.87 -8.03
CA SER A 50 10.14 -11.59 -8.09
C SER A 50 9.36 -11.32 -6.88
N ILE A 51 8.02 -11.37 -7.01
CA ILE A 51 7.13 -11.16 -5.91
C ILE A 51 6.10 -12.26 -5.81
N THR A 52 5.71 -12.66 -4.58
CA THR A 52 4.59 -13.56 -4.35
C THR A 52 3.52 -12.74 -3.55
N VAL A 53 2.27 -12.91 -3.84
CA VAL A 53 1.20 -12.19 -3.22
C VAL A 53 0.38 -13.21 -2.42
N THR A 54 0.10 -12.88 -1.17
CA THR A 54 -0.85 -13.69 -0.35
C THR A 54 -2.13 -12.86 -0.21
N LEU A 55 -3.22 -13.39 -0.66
CA LEU A 55 -4.55 -12.83 -0.42
C LEU A 55 -5.30 -13.67 0.61
N GLY A 56 -6.29 -13.08 1.27
CA GLY A 56 -7.20 -13.80 2.23
C GLY A 56 -6.56 -13.93 3.59
N ALA A 57 -5.42 -13.24 3.84
CA ALA A 57 -4.77 -13.35 5.13
C ALA A 57 -5.24 -12.39 6.22
N HIS A 58 -5.13 -12.83 7.50
CA HIS A 58 -5.24 -11.93 8.60
C HIS A 58 -3.97 -12.06 9.47
N ASN A 59 -3.78 -13.22 10.13
CA ASN A 59 -2.58 -13.54 10.82
C ASN A 59 -1.64 -14.23 9.83
N ILE A 60 -0.64 -13.49 9.40
CA ILE A 60 0.22 -13.96 8.30
C ILE A 60 1.11 -15.17 8.68
N THR A 61 1.14 -15.62 9.94
CA THR A 61 1.92 -16.74 10.37
C THR A 61 1.06 -17.99 10.48
N GLU A 62 -0.24 -17.90 10.22
CA GLU A 62 -1.19 -19.06 10.45
C GLU A 62 -1.99 -19.31 9.17
N GLU A 63 -1.53 -20.31 8.44
CA GLU A 63 -2.15 -20.68 7.20
C GLU A 63 -3.63 -21.11 7.44
N GLU A 64 -4.51 -20.69 6.58
CA GLU A 64 -5.90 -21.08 6.63
C GLU A 64 -6.47 -21.28 5.22
N ASP A 65 -7.67 -21.87 5.18
CA ASP A 65 -8.34 -22.12 3.88
C ASP A 65 -8.62 -20.85 3.10
N THR A 66 -8.81 -19.73 3.74
CA THR A 66 -8.97 -18.41 2.99
C THR A 66 -7.74 -17.98 2.17
N TRP A 67 -6.56 -18.57 2.47
CA TRP A 67 -5.34 -18.11 1.80
C TRP A 67 -5.36 -18.41 0.29
N GLN A 68 -4.96 -17.41 -0.51
CA GLN A 68 -4.59 -17.63 -1.91
C GLN A 68 -3.24 -17.06 -2.15
N LYS A 69 -2.24 -17.88 -2.42
CA LYS A 69 -0.92 -17.43 -2.65
C LYS A 69 -0.71 -17.48 -4.15
N LEU A 70 -0.41 -16.37 -4.81
CA LEU A 70 -0.38 -16.30 -6.22
C LEU A 70 0.92 -15.74 -6.68
N GLU A 71 1.37 -16.28 -7.80
CA GLU A 71 2.54 -15.86 -8.43
C GLU A 71 2.25 -14.56 -9.27
N VAL A 72 3.20 -13.61 -9.23
CA VAL A 72 3.20 -12.43 -10.08
C VAL A 72 3.96 -12.77 -11.34
N ILE A 73 3.37 -12.64 -12.57
CA ILE A 73 4.10 -12.90 -13.81
CA ILE A 73 4.05 -12.90 -13.84
C ILE A 73 4.88 -11.70 -14.35
N LYS A 74 4.43 -10.46 -14.11
CA LYS A 74 5.07 -9.26 -14.61
C LYS A 74 4.78 -8.12 -13.63
N GLN A 75 5.75 -7.27 -13.48
CA GLN A 75 5.64 -6.05 -12.71
C GLN A 75 5.59 -4.89 -13.68
N PHE A 76 4.62 -3.99 -13.57
CA PHE A 76 4.53 -2.80 -14.38
C PHE A 76 4.79 -1.56 -13.50
N ARG A 77 6.05 -1.28 -13.29
CA ARG A 77 6.46 -0.11 -12.51
C ARG A 77 6.28 1.15 -13.34
N HIS A 78 5.77 2.24 -12.73
CA HIS A 78 5.57 3.46 -13.49
C HIS A 78 6.90 3.85 -14.17
N PRO A 79 6.89 4.16 -15.45
CA PRO A 79 8.11 4.42 -16.20
C PRO A 79 8.82 5.71 -15.75
N LYS A 80 8.18 6.55 -14.96
CA LYS A 80 8.80 7.86 -14.60
C LYS A 80 9.19 7.87 -13.10
N TYR A 81 9.07 6.69 -12.48
CA TYR A 81 9.37 6.56 -11.09
C TYR A 81 10.82 7.05 -10.86
N ASN A 82 11.04 7.94 -9.91
CA ASN A 82 12.27 8.64 -9.78
C ASN A 82 12.83 8.51 -8.43
N THR A 83 13.99 7.95 -8.31
CA THR A 83 14.54 7.67 -7.03
C THR A 83 15.15 8.91 -6.35
N SER A 84 15.27 10.02 -7.07
CA SER A 84 15.72 11.22 -6.47
C SER A 84 14.62 12.05 -5.84
N THR A 85 13.57 12.32 -6.58
CA THR A 85 12.42 13.14 -6.22
C THR A 85 11.34 12.36 -5.52
N LEU A 86 11.41 11.00 -5.64
CA LEU A 86 10.42 10.07 -5.24
C LEU A 86 8.94 10.24 -5.88
N HIS A 87 8.81 10.96 -6.95
CA HIS A 87 7.59 11.05 -7.71
C HIS A 87 7.24 9.70 -8.40
N HIS A 88 5.93 9.49 -8.63
CA HIS A 88 5.36 8.49 -9.42
C HIS A 88 5.59 7.11 -8.82
N ASP A 89 5.46 7.06 -7.50
CA ASP A 89 5.70 5.84 -6.70
C ASP A 89 4.49 4.96 -6.84
N ILE A 90 4.35 4.25 -7.99
CA ILE A 90 3.18 3.40 -8.19
C ILE A 90 3.52 2.24 -9.17
N MET A 91 2.92 1.06 -8.96
CA MET A 91 3.21 -0.14 -9.76
C MET A 91 2.00 -1.03 -9.77
N LEU A 92 1.72 -1.61 -10.90
CA LEU A 92 0.75 -2.68 -11.08
C LEU A 92 1.50 -4.06 -11.13
N LEU A 93 0.92 -5.04 -10.56
CA LEU A 93 1.44 -6.43 -10.61
C LEU A 93 0.36 -7.26 -11.25
N LYS A 94 0.72 -7.95 -12.33
CA LYS A 94 -0.10 -8.85 -12.98
C LYS A 94 0.04 -10.29 -12.43
N LEU A 95 -1.05 -10.84 -11.96
CA LEU A 95 -1.04 -12.17 -11.41
C LEU A 95 -1.20 -13.23 -12.49
N LYS A 96 -0.50 -14.34 -12.26
CA LYS A 96 -0.54 -15.52 -13.17
C LYS A 96 -1.95 -16.05 -13.40
N GLU A 97 -2.76 -16.08 -12.38
CA GLU A 97 -4.20 -16.50 -12.54
C GLU A 97 -5.11 -15.45 -11.96
N LYS A 98 -6.38 -15.61 -12.17
CA LYS A 98 -7.36 -14.76 -11.57
C LYS A 98 -7.64 -15.27 -10.21
N ALA A 99 -7.67 -14.41 -9.21
CA ALA A 99 -8.02 -14.79 -7.87
C ALA A 99 -9.47 -15.25 -7.78
N SER A 100 -9.75 -16.16 -6.90
CA SER A 100 -11.15 -16.59 -6.60
C SER A 100 -11.75 -15.49 -5.74
N LEU A 101 -13.04 -15.21 -5.90
CA LEU A 101 -13.87 -14.34 -5.08
C LEU A 101 -14.51 -15.13 -3.95
N THR A 102 -14.15 -14.78 -2.74
CA THR A 102 -14.60 -15.54 -1.58
C THR A 102 -14.99 -14.48 -0.56
N LEU A 103 -15.46 -14.93 0.59
CA LEU A 103 -15.78 -13.96 1.68
C LEU A 103 -14.54 -13.19 2.10
N ALA A 104 -13.37 -13.75 1.93
CA ALA A 104 -12.11 -13.20 2.36
C ALA A 104 -11.26 -12.43 1.35
N VAL A 105 -11.64 -12.55 0.05
CA VAL A 105 -10.92 -12.06 -1.09
C VAL A 105 -11.85 -11.37 -2.09
N GLY A 106 -11.68 -10.08 -2.31
CA GLY A 106 -12.43 -9.37 -3.29
C GLY A 106 -11.63 -8.15 -3.77
N THR A 107 -12.20 -7.42 -4.72
CA THR A 107 -11.52 -6.31 -5.35
C THR A 107 -12.02 -5.01 -4.76
N LEU A 108 -11.25 -3.99 -4.88
CA LEU A 108 -11.65 -2.68 -4.46
C LEU A 108 -11.66 -1.88 -5.77
N PRO A 109 -12.81 -1.76 -6.38
CA PRO A 109 -12.90 -0.99 -7.72
C PRO A 109 -12.93 0.54 -7.44
N PHE A 110 -12.56 1.35 -8.46
CA PHE A 110 -12.60 2.93 -8.40
C PHE A 110 -13.95 3.65 -8.64
N VAL A 117 -9.82 14.52 -4.04
CA VAL A 117 -10.20 14.69 -2.57
C VAL A 117 -9.37 15.79 -1.81
N PRO A 118 -10.11 16.59 -0.99
CA PRO A 118 -9.53 17.77 -0.32
C PRO A 118 -9.19 17.53 1.20
N PRO A 119 -8.35 18.45 1.83
CA PRO A 119 -7.92 18.42 3.27
C PRO A 119 -9.02 18.44 4.23
N GLY A 120 -8.85 17.94 5.44
CA GLY A 120 -9.86 17.77 6.43
C GLY A 120 -10.47 16.38 6.67
N ARG A 121 -10.55 15.56 5.64
CA ARG A 121 -11.21 14.29 5.75
C ARG A 121 -10.44 13.18 6.51
N MET A 122 -11.14 12.31 7.22
CA MET A 122 -10.51 11.20 7.96
C MET A 122 -10.48 10.02 7.04
N CYS A 123 -9.31 9.44 6.85
CA CYS A 123 -9.23 8.25 5.99
C CYS A 123 -8.61 7.09 6.77
N ARG A 124 -8.60 5.87 6.23
CA ARG A 124 -8.07 4.69 6.98
C ARG A 124 -6.99 4.02 6.13
N VAL A 125 -5.89 3.59 6.78
CA VAL A 125 -4.91 2.82 6.12
C VAL A 125 -4.68 1.49 6.92
N ALA A 126 -4.30 0.45 6.26
CA ALA A 126 -4.14 -0.88 6.85
C ALA A 126 -2.89 -1.52 6.37
N GLY A 127 -2.22 -2.33 7.24
CA GLY A 127 -1.05 -3.03 6.84
C GLY A 127 -0.48 -3.95 7.90
N TRP A 128 0.51 -4.76 7.51
CA TRP A 128 1.20 -5.73 8.39
C TRP A 128 2.56 -5.20 8.83
N GLY A 129 2.80 -3.90 8.70
CA GLY A 129 4.08 -3.32 9.02
C GLY A 129 4.45 -3.18 10.50
N ARG A 130 5.58 -2.62 10.77
CA ARG A 130 6.06 -2.40 12.11
C ARG A 130 5.00 -1.57 12.87
N THR A 131 4.85 -1.93 14.16
CA THR A 131 3.90 -1.20 15.05
C THR A 131 4.63 -0.13 15.91
N GLY A 132 5.94 0.03 15.70
CA GLY A 132 6.75 1.00 16.39
C GLY A 132 8.05 1.11 15.68
N VAL A 133 8.77 2.18 15.97
CA VAL A 133 10.01 2.48 15.36
C VAL A 133 11.00 1.31 15.44
N LEU A 134 11.06 0.70 16.59
CA LEU A 134 11.90 -0.45 16.84
C LEU A 134 11.16 -1.69 17.18
N LYS A 135 9.98 -1.92 16.59
CA LYS A 135 9.27 -3.21 16.78
C LYS A 135 9.21 -3.94 15.48
N PRO A 136 9.02 -5.27 15.55
CA PRO A 136 8.89 -6.09 14.36
C PRO A 136 7.57 -5.82 13.63
N GLY A 137 7.46 -6.24 12.35
CA GLY A 137 6.23 -6.28 11.72
C GLY A 137 5.17 -7.08 12.41
N SER A 138 3.91 -6.63 12.28
CA SER A 138 2.81 -7.22 12.92
C SER A 138 2.51 -8.60 12.28
N ASP A 139 2.10 -9.55 13.09
CA ASP A 139 1.52 -10.82 12.68
C ASP A 139 0.15 -10.61 12.02
N THR A 140 -0.65 -9.74 12.62
CA THR A 140 -1.97 -9.52 12.17
C THR A 140 -2.13 -8.13 11.43
N LEU A 141 -3.16 -8.05 10.60
CA LEU A 141 -3.49 -6.83 9.86
C LEU A 141 -3.97 -5.81 10.86
N GLN A 142 -3.32 -4.64 10.79
CA GLN A 142 -3.68 -3.51 11.68
C GLN A 142 -4.20 -2.32 10.81
N GLU A 143 -4.99 -1.45 11.41
CA GLU A 143 -5.50 -0.32 10.76
C GLU A 143 -5.54 0.89 11.70
N VAL A 144 -5.55 2.08 11.05
CA VAL A 144 -5.51 3.36 11.78
C VAL A 144 -6.28 4.39 10.99
N LYS A 145 -6.86 5.31 11.66
CA LYS A 145 -7.51 6.46 11.03
C LYS A 145 -6.57 7.67 11.03
N LEU A 146 -6.45 8.31 9.91
CA LEU A 146 -5.51 9.45 9.67
C LEU A 146 -6.18 10.62 9.01
N ARG A 147 -5.79 11.80 9.43
CA ARG A 147 -6.37 13.03 8.86
C ARG A 147 -5.62 13.40 7.57
N LEU A 148 -6.40 13.75 6.53
CA LEU A 148 -5.86 14.45 5.35
C LEU A 148 -5.51 15.91 5.69
N MET A 149 -4.30 16.35 5.30
CA MET A 149 -3.82 17.60 5.73
C MET A 149 -3.77 18.56 4.50
N ASP A 150 -3.73 19.85 4.76
CA ASP A 150 -3.35 20.83 3.73
C ASP A 150 -1.92 20.60 3.24
N PRO A 151 -1.65 20.91 1.94
CA PRO A 151 -0.33 20.62 1.41
C PRO A 151 0.85 21.32 2.18
N GLN A 152 0.53 22.44 2.74
CA GLN A 152 1.52 23.18 3.55
C GLN A 152 2.15 22.38 4.67
N ALA A 153 1.38 21.48 5.24
CA ALA A 153 1.84 20.61 6.34
C ALA A 153 3.00 19.66 5.87
N CYS A 154 3.18 19.46 4.56
CA CYS A 154 4.18 18.65 4.03
C CYS A 154 5.34 19.40 3.33
N SER A 155 5.39 20.69 3.52
CA SER A 155 6.39 21.50 2.89
C SER A 155 7.86 20.95 3.11
N HIS A 156 8.12 20.47 4.34
CA HIS A 156 9.48 20.19 4.74
C HIS A 156 9.96 18.95 3.91
N PHE A 157 9.03 18.25 3.20
CA PHE A 157 9.47 17.28 2.20
C PHE A 157 9.69 18.02 0.92
N ARG A 158 10.94 18.25 0.55
CA ARG A 158 11.20 19.27 -0.46
C ARG A 158 10.67 18.91 -1.82
N ASP A 159 10.52 17.67 -2.11
CA ASP A 159 10.00 17.27 -3.31
C ASP A 159 8.48 16.95 -3.30
N PHE A 160 7.81 17.15 -2.20
CA PHE A 160 6.42 17.00 -2.18
C PHE A 160 5.80 17.84 -3.18
N ASP A 161 4.80 17.31 -3.86
CA ASP A 161 3.98 18.05 -4.95
C ASP A 161 2.50 17.67 -4.76
N HIS A 162 1.70 18.67 -4.43
CA HIS A 162 0.30 18.51 -4.09
C HIS A 162 -0.57 17.91 -5.30
N ASN A 163 -0.13 18.13 -6.53
CA ASN A 163 -0.85 17.56 -7.68
C ASN A 163 -0.66 16.08 -7.74
N LEU A 164 0.45 15.56 -7.26
CA LEU A 164 0.79 14.14 -7.42
C LEU A 164 0.62 13.34 -6.19
N GLN A 165 0.52 14.05 -5.01
CA GLN A 165 0.64 13.39 -3.73
C GLN A 165 -0.28 14.00 -2.65
N LEU A 166 -0.64 13.18 -1.68
CA LEU A 166 -1.48 13.56 -0.56
C LEU A 166 -0.55 13.69 0.68
N CYS A 167 -0.93 14.61 1.54
CA CYS A 167 -0.21 14.88 2.77
C CYS A 167 -1.07 14.33 3.89
N VAL A 168 -0.61 13.35 4.61
CA VAL A 168 -1.50 12.50 5.46
C VAL A 168 -0.95 12.32 6.89
N GLY A 169 -1.76 12.70 7.83
CA GLY A 169 -1.46 12.50 9.22
C GLY A 169 -1.25 13.85 9.97
N ASN A 170 -2.02 13.97 11.09
CA ASN A 170 -1.96 15.18 11.93
C ASN A 170 -0.67 15.13 12.70
N PRO A 171 0.16 16.15 12.59
CA PRO A 171 1.43 16.08 13.29
C PRO A 171 1.34 16.01 14.86
N ARG A 172 0.16 16.36 15.46
CA ARG A 172 -0.08 16.33 16.87
C ARG A 172 -0.35 14.97 17.41
N LYS A 173 -0.54 13.97 16.55
CA LYS A 173 -0.76 12.57 16.91
C LYS A 173 0.36 11.62 16.45
N THR A 174 0.49 10.50 17.10
CA THR A 174 1.50 9.56 16.75
C THR A 174 1.09 8.47 15.70
N LYS A 175 -0.11 8.56 15.21
CA LYS A 175 -0.58 7.57 14.28
C LYS A 175 0.11 7.71 12.92
N SER A 176 0.54 6.60 12.36
CA SER A 176 1.24 6.57 11.08
C SER A 176 1.40 5.11 10.46
N ALA A 177 1.53 5.04 9.14
CA ALA A 177 2.04 3.86 8.50
C ALA A 177 3.57 3.85 8.72
N PHE A 178 4.18 2.70 8.66
CA PHE A 178 5.53 2.57 8.87
C PHE A 178 6.11 1.49 7.90
N LYS A 179 7.35 1.06 8.12
CA LYS A 179 8.04 0.02 7.37
C LYS A 179 7.21 -1.24 7.30
N GLY A 180 7.04 -1.76 6.12
CA GLY A 180 6.23 -2.90 5.79
C GLY A 180 4.83 -2.54 5.33
N ASP A 181 4.37 -1.31 5.58
CA ASP A 181 3.06 -0.83 5.14
C ASP A 181 3.02 -0.18 3.71
N SER A 182 4.16 0.07 3.13
CA SER A 182 4.32 0.61 1.78
C SER A 182 3.34 -0.04 0.81
N GLY A 183 2.74 0.72 -0.10
CA GLY A 183 1.81 0.18 -1.04
C GLY A 183 0.37 -0.06 -0.73
N GLY A 184 0.02 0.00 0.57
CA GLY A 184 -1.24 -0.16 1.09
C GLY A 184 -2.15 1.03 0.79
N PRO A 185 -3.44 0.81 0.67
CA PRO A 185 -4.34 1.90 0.26
C PRO A 185 -4.76 2.79 1.40
N LEU A 186 -4.97 4.03 1.11
CA LEU A 186 -5.64 4.99 1.92
C LEU A 186 -7.08 5.05 1.47
N LEU A 187 -7.99 4.60 2.35
CA LEU A 187 -9.41 4.65 1.98
C LEU A 187 -10.10 5.78 2.61
N CYS A 188 -10.79 6.60 1.80
CA CYS A 188 -11.61 7.74 2.31
C CYS A 188 -13.05 7.40 1.79
N ALA A 189 -13.98 7.17 2.72
CA ALA A 189 -15.41 6.82 2.41
C ALA A 189 -15.46 5.62 1.46
N GLY A 190 -14.66 4.61 1.77
CA GLY A 190 -14.62 3.34 1.04
C GLY A 190 -14.05 3.35 -0.35
N VAL A 191 -13.44 4.48 -0.75
CA VAL A 191 -12.69 4.49 -2.05
C VAL A 191 -11.20 4.65 -1.81
N ALA A 192 -10.37 3.94 -2.56
CA ALA A 192 -9.00 4.15 -2.47
C ALA A 192 -8.52 5.50 -3.12
N GLN A 193 -7.91 6.37 -2.30
CA GLN A 193 -7.53 7.72 -2.78
C GLN A 193 -5.98 7.81 -2.87
N GLY A 194 -5.27 7.00 -2.11
CA GLY A 194 -3.83 7.02 -2.11
C GLY A 194 -3.16 5.74 -1.81
N ILE A 195 -1.85 5.71 -1.88
CA ILE A 195 -0.99 4.51 -1.59
C ILE A 195 0.16 5.04 -0.70
N VAL A 196 0.38 4.37 0.40
CA VAL A 196 1.55 4.61 1.23
C VAL A 196 2.80 4.73 0.36
N SER A 197 3.49 5.87 0.47
CA SER A 197 4.78 6.08 -0.23
C SER A 197 5.94 6.26 0.68
N TYR A 198 6.07 7.43 1.39
CA TYR A 198 7.21 7.65 2.24
C TYR A 198 6.92 8.60 3.35
N GLY A 199 7.86 8.69 4.28
CA GLY A 199 7.82 9.74 5.31
C GLY A 199 9.12 9.81 6.04
N ARG A 200 9.10 10.32 7.31
CA ARG A 200 10.33 10.48 8.12
C ARG A 200 10.77 9.12 8.68
N SER A 201 12.12 8.98 8.88
CA SER A 201 12.57 7.83 9.56
C SER A 201 12.15 7.67 10.98
N ASP A 202 11.78 8.76 11.67
CA ASP A 202 11.29 8.70 13.01
C ASP A 202 9.74 8.62 13.10
N ALA A 203 9.04 8.49 12.01
CA ALA A 203 7.67 8.36 11.94
C ALA A 203 6.78 9.53 12.43
N LYS A 204 7.39 10.69 12.56
CA LYS A 204 6.66 11.84 12.96
C LYS A 204 5.78 12.27 11.75
N PRO A 205 4.48 12.27 11.91
CA PRO A 205 3.65 12.69 10.75
C PRO A 205 3.76 14.17 10.46
N PRO A 206 3.28 14.63 9.31
CA PRO A 206 2.63 13.83 8.30
C PRO A 206 3.54 12.99 7.38
N ALA A 207 2.92 12.13 6.51
CA ALA A 207 3.61 11.34 5.57
C ALA A 207 3.08 11.59 4.14
N VAL A 208 3.72 11.06 3.17
CA VAL A 208 3.42 11.34 1.72
C VAL A 208 2.84 10.09 1.11
N PHE A 209 1.63 10.22 0.52
CA PHE A 209 0.95 9.12 -0.19
C PHE A 209 0.81 9.49 -1.69
N THR A 210 0.94 8.52 -2.52
CA THR A 210 0.67 8.72 -3.98
C THR A 210 -0.78 9.01 -4.20
N ARG A 211 -1.10 10.05 -4.92
CA ARG A 211 -2.49 10.48 -5.24
C ARG A 211 -3.01 9.68 -6.47
N ILE A 212 -3.80 8.65 -6.19
CA ILE A 212 -4.23 7.73 -7.19
C ILE A 212 -4.97 8.37 -8.41
N SER A 213 -5.72 9.44 -8.24
CA SER A 213 -6.47 10.05 -9.32
C SER A 213 -5.55 10.61 -10.40
N HIS A 214 -4.41 11.14 -10.09
CA HIS A 214 -3.57 11.61 -11.11
C HIS A 214 -3.11 10.51 -12.06
N TYR A 215 -3.08 9.24 -11.56
CA TYR A 215 -2.47 8.08 -12.32
C TYR A 215 -3.52 7.25 -13.01
N ARG A 216 -4.78 7.61 -12.90
CA ARG A 216 -5.88 6.82 -13.55
C ARG A 216 -5.75 6.59 -15.09
N PRO A 217 -5.37 7.61 -15.86
CA PRO A 217 -5.15 7.28 -17.27
C PRO A 217 -4.10 6.16 -17.43
N TRP A 218 -2.98 6.25 -16.71
CA TRP A 218 -1.90 5.26 -16.81
C TRP A 218 -2.42 3.90 -16.39
N ILE A 219 -3.10 3.84 -15.24
CA ILE A 219 -3.68 2.57 -14.82
C ILE A 219 -4.58 1.94 -15.89
N ASN A 220 -5.45 2.76 -16.47
CA ASN A 220 -6.38 2.25 -17.49
C ASN A 220 -5.72 1.70 -18.74
N GLN A 221 -4.68 2.35 -19.15
CA GLN A 221 -3.86 1.93 -20.25
C GLN A 221 -3.21 0.54 -19.99
N ILE A 222 -2.65 0.30 -18.79
CA ILE A 222 -2.13 -1.04 -18.51
C ILE A 222 -3.27 -2.12 -18.44
N LEU A 223 -4.35 -1.84 -17.74
CA LEU A 223 -5.41 -2.78 -17.59
C LEU A 223 -6.03 -3.08 -18.94
N GLN A 224 -6.29 -2.09 -19.78
CA GLN A 224 -6.85 -2.41 -21.17
C GLN A 224 -5.99 -3.21 -22.13
N ALA A 225 -4.68 -3.12 -22.04
CA ALA A 225 -3.69 -3.78 -22.91
C ALA A 225 -3.30 -5.13 -22.37
N ASN A 226 -3.88 -5.55 -21.23
CA ASN A 226 -3.47 -6.81 -20.53
C ASN A 226 -4.64 -7.47 -19.96
C1 NAG B . -0.84 -15.51 15.00
C2 NAG B . -0.97 -15.17 16.46
C3 NAG B . 0.07 -15.90 17.33
C4 NAG B . -0.01 -17.39 17.00
C5 NAG B . 0.20 -17.64 15.51
C6 NAG B . 0.34 -19.10 15.10
C7 NAG B . -1.89 -13.05 17.16
C8 NAG B . -3.33 -13.43 17.24
N2 NAG B . -0.81 -13.77 16.71
O3 NAG B . -0.25 -15.60 18.70
O4 NAG B . 1.10 -17.94 17.71
O5 NAG B . -0.83 -16.94 14.76
O6 NAG B . -1.03 -19.57 15.30
O7 NAG B . -1.62 -11.91 17.41
C1 NAG C . 14.46 12.47 -11.66
C2 NAG C . 14.90 12.29 -13.09
C3 NAG C . 16.12 13.27 -13.20
C4 NAG C . 15.69 14.73 -12.94
C5 NAG C . 15.04 14.86 -11.55
C6 NAG C . 14.44 16.25 -11.35
C7 NAG C . 16.24 10.12 -12.93
C8 NAG C . 16.74 8.96 -13.78
N2 NAG C . 15.39 10.96 -13.59
O3 NAG C . 16.64 13.13 -14.50
O4 NAG C . 16.72 15.72 -13.04
O5 NAG C . 13.96 13.85 -11.47
O6 NAG C . 13.12 16.06 -11.95
O7 NAG C . 16.58 10.30 -11.71
ZN ZN D . -9.90 -16.67 8.63
C1 8W6 E . 9.58 1.80 3.68
O2 8W6 E . 9.10 0.81 4.22
CL2 8W6 E . 4.28 6.44 5.81
C9 8W6 E . 5.87 5.95 6.13
C8 8W6 E . 6.70 6.71 6.95
C7 8W6 E . 7.99 6.33 7.20
C6 8W6 E . 8.50 5.10 6.63
O23 8W6 E . 9.75 4.57 6.78
C24 8W6 E . 10.80 5.18 7.56
C10 8W6 E . 6.31 4.76 5.60
C5 8W6 E . 7.64 4.31 5.89
C4 8W6 E . 8.13 3.03 5.30
C3 8W6 E . 9.07 3.20 4.14
C11 8W6 E . 8.37 3.81 2.90
N12 8W6 E . 9.21 4.26 1.81
C13 8W6 E . 10.51 3.96 1.45
N14 8W6 E . 10.98 4.46 0.38
O62 8W6 E . 10.13 5.28 -0.35
C63 8W6 E . 10.63 5.43 -1.68
C64 8W6 E . 9.66 6.32 -2.45
C15 8W6 E . 11.32 3.01 2.33
N16 8W6 E . 10.65 1.76 2.79
C17 8W6 E . 11.25 0.58 2.28
O18 8W6 E . 12.20 0.63 1.50
N19 8W6 E . 10.68 -0.61 2.60
C20 8W6 E . 11.17 -1.98 2.25
C30 8W6 E . 10.24 -2.74 1.31
C35 8W6 E . 10.39 -2.35 -0.11
C21 8W6 E . 11.30 -2.52 3.70
C29 8W6 E . 10.20 -3.08 4.38
C28 8W6 E . 10.30 -3.49 5.72
C25 8W6 E . 12.53 -2.44 4.37
C26 8W6 E . 12.66 -2.85 5.72
C27 8W6 E . 11.54 -3.37 6.42
C31 8W6 E . 11.69 -3.84 7.82
O33 8W6 E . 12.87 -3.70 8.37
O32 8W6 E . 10.65 -4.31 8.44
#